data_1VGC
#
_entry.id   1VGC
#
_cell.length_a   69.860
_cell.length_b   69.860
_cell.length_c   97.150
_cell.angle_alpha   90.00
_cell.angle_beta   90.00
_cell.angle_gamma   90.00
#
_symmetry.space_group_name_H-M   'P 42 21 2'
#
loop_
_entity.id
_entity.type
_entity.pdbx_description
1 polymer 'GAMMA CHYMOTRYPSIN'
2 polymer 'GAMMA CHYMOTRYPSIN'
3 polymer 'GAMMA CHYMOTRYPSIN'
4 non-polymer 'SULFATE ION'
5 non-polymer 'L-1-(4-CHLOROPHENYL)-2-(ACETAMIDO)ETHANE BORONIC ACID'
6 water water
#
loop_
_entity_poly.entity_id
_entity_poly.type
_entity_poly.pdbx_seq_one_letter_code
_entity_poly.pdbx_strand_id
1 'polypeptide(L)' CGVPAIQPVLSGL A
2 'polypeptide(L)'
;IVNGEEAVPGSWPWQVSLQDKTGFHFCGGSLINENWVVTAAHCGVTTSDVVVAGEFDQGSSSEKIQKLKIAKVFKNSKYN
SLTINNDITLLKLSTAASFSQTVSAVCLPSASDDFAAGTTCVTTGWGLTRY
;
B
3 'polypeptide(L)'
;ANTPDRLQQASLPLLSNTNCKKYWGTKIKDAMICAGASGVSSCMGDSGGPLVCKKNGAWTLVGIVSWGSSTCSTSTPGVY
ARVTALVNWVQQTLAAN
;
C
#
# COMPACT_ATOMS: atom_id res chain seq x y z
N CYS A 1 -6.54 6.15 -14.31
CA CYS A 1 -5.82 5.53 -13.16
C CYS A 1 -5.49 4.07 -13.45
N GLY A 2 -4.54 3.51 -12.68
CA GLY A 2 -4.20 2.11 -12.81
C GLY A 2 -3.61 1.56 -14.09
N VAL A 3 -3.22 2.42 -15.02
CA VAL A 3 -2.60 1.98 -16.27
C VAL A 3 -1.27 2.71 -16.40
N PRO A 4 -0.22 2.12 -15.79
CA PRO A 4 1.15 2.67 -15.79
C PRO A 4 1.71 2.85 -17.19
N ALA A 5 2.54 3.87 -17.39
CA ALA A 5 3.16 4.11 -18.69
C ALA A 5 4.29 3.08 -18.91
N ILE A 6 4.90 2.62 -17.84
CA ILE A 6 5.96 1.62 -17.91
C ILE A 6 5.34 0.34 -17.36
N GLN A 7 5.06 -0.58 -18.26
CA GLN A 7 4.42 -1.85 -17.94
C GLN A 7 5.21 -2.70 -16.94
N PRO A 8 4.55 -3.15 -15.86
CA PRO A 8 5.30 -3.97 -14.90
C PRO A 8 5.52 -5.37 -15.47
N VAL A 9 6.61 -6.01 -15.07
CA VAL A 9 6.87 -7.37 -15.54
C VAL A 9 7.03 -8.21 -14.29
N LEU A 10 6.30 -9.33 -14.25
CA LEU A 10 6.31 -10.29 -13.12
C LEU A 10 6.92 -11.66 -13.51
N ILE B 1 9.27 -6.97 1.54
CA ILE B 1 8.72 -8.24 0.98
C ILE B 1 9.76 -9.37 1.02
N VAL B 2 9.40 -10.48 1.67
CA VAL B 2 10.27 -11.65 1.74
C VAL B 2 9.92 -12.50 0.51
N ASN B 3 10.95 -12.89 -0.25
CA ASN B 3 10.83 -13.71 -1.47
C ASN B 3 10.23 -13.02 -2.69
N GLY B 4 10.25 -11.69 -2.70
CA GLY B 4 9.72 -10.98 -3.85
C GLY B 4 10.85 -10.81 -4.83
N GLU B 5 10.70 -9.88 -5.75
CA GLU B 5 11.75 -9.61 -6.72
C GLU B 5 11.77 -8.12 -6.99
N GLU B 6 12.85 -7.67 -7.59
CA GLU B 6 13.05 -6.28 -7.91
C GLU B 6 12.05 -5.89 -9.00
N ALA B 7 11.40 -4.74 -8.85
CA ALA B 7 10.44 -4.29 -9.85
C ALA B 7 11.09 -3.64 -11.05
N VAL B 8 10.35 -3.51 -12.15
CA VAL B 8 10.84 -2.80 -13.33
C VAL B 8 10.72 -1.32 -12.84
N PRO B 9 11.82 -0.55 -12.90
CA PRO B 9 11.82 0.86 -12.46
C PRO B 9 10.71 1.69 -13.08
N GLY B 10 9.93 2.34 -12.23
CA GLY B 10 8.85 3.17 -12.71
C GLY B 10 7.55 2.46 -13.07
N SER B 11 7.53 1.13 -12.96
CA SER B 11 6.36 0.34 -13.31
C SER B 11 5.19 0.35 -12.33
N TRP B 12 5.43 0.84 -11.12
CA TRP B 12 4.37 0.93 -10.11
C TRP B 12 4.44 2.39 -9.73
N PRO B 13 3.99 3.28 -10.65
CA PRO B 13 4.01 4.73 -10.47
C PRO B 13 3.29 5.40 -9.31
N TRP B 14 2.35 4.71 -8.67
CA TRP B 14 1.61 5.25 -7.53
C TRP B 14 2.29 4.98 -6.19
N GLN B 15 3.31 4.13 -6.22
CA GLN B 15 4.03 3.77 -5.01
C GLN B 15 4.88 4.92 -4.52
N VAL B 16 4.65 5.29 -3.27
CA VAL B 16 5.40 6.35 -2.66
C VAL B 16 6.08 5.80 -1.41
N SER B 17 7.09 6.51 -0.94
CA SER B 17 7.81 6.12 0.26
C SER B 17 7.61 7.23 1.29
N LEU B 18 7.26 6.86 2.50
CA LEU B 18 7.09 7.83 3.56
C LEU B 18 8.43 7.83 4.30
N GLN B 19 9.06 8.99 4.37
CA GLN B 19 10.35 9.12 5.01
C GLN B 19 10.26 10.19 6.10
N ASP B 20 10.94 9.98 7.23
CA ASP B 20 10.92 11.00 8.27
C ASP B 20 11.95 12.08 7.91
N LYS B 21 12.15 13.08 8.76
CA LYS B 21 13.11 14.16 8.44
C LYS B 21 14.55 13.69 8.38
N THR B 22 14.78 12.52 8.98
CA THR B 22 16.08 11.87 9.01
C THR B 22 16.41 11.30 7.62
N GLY B 23 15.37 11.06 6.80
CA GLY B 23 15.56 10.48 5.48
C GLY B 23 15.38 8.96 5.53
N PHE B 24 14.82 8.48 6.63
CA PHE B 24 14.60 7.05 6.87
C PHE B 24 13.21 6.60 6.39
N HIS B 25 13.17 5.59 5.52
CA HIS B 25 11.90 5.04 5.01
C HIS B 25 11.22 4.22 6.10
N PHE B 26 10.01 4.60 6.49
CA PHE B 26 9.30 3.86 7.54
C PHE B 26 7.98 3.20 7.07
N CYS B 27 7.45 3.66 5.93
CA CYS B 27 6.19 3.13 5.40
C CYS B 27 6.04 3.45 3.92
N GLY B 28 5.08 2.77 3.29
CA GLY B 28 4.78 2.98 1.88
C GLY B 28 3.43 3.66 1.80
N GLY B 29 2.97 3.97 0.60
CA GLY B 29 1.68 4.62 0.39
C GLY B 29 1.36 4.56 -1.09
N SER B 30 0.16 5.00 -1.46
CA SER B 30 -0.28 5.00 -2.87
C SER B 30 -0.95 6.32 -3.23
N LEU B 31 -0.55 6.92 -4.34
CA LEU B 31 -1.16 8.15 -4.82
C LEU B 31 -2.51 7.79 -5.44
N ILE B 32 -3.57 8.51 -5.08
CA ILE B 32 -4.88 8.27 -5.66
C ILE B 32 -5.25 9.44 -6.60
N ASN B 33 -4.48 10.51 -6.51
CA ASN B 33 -4.59 11.71 -7.36
C ASN B 33 -3.38 12.57 -7.02
N GLU B 34 -3.20 13.70 -7.69
CA GLU B 34 -2.00 14.51 -7.42
C GLU B 34 -1.90 15.19 -6.06
N ASN B 35 -2.99 15.19 -5.30
CA ASN B 35 -3.02 15.82 -3.99
C ASN B 35 -3.25 14.93 -2.78
N TRP B 36 -3.49 13.64 -3.00
CA TRP B 36 -3.81 12.75 -1.90
C TRP B 36 -3.08 11.42 -1.98
N VAL B 37 -2.63 10.94 -0.83
CA VAL B 37 -1.92 9.69 -0.72
C VAL B 37 -2.67 8.85 0.31
N VAL B 38 -2.85 7.56 0.03
CA VAL B 38 -3.48 6.66 0.99
C VAL B 38 -2.36 5.84 1.60
N THR B 39 -2.45 5.64 2.92
CA THR B 39 -1.46 4.87 3.65
C THR B 39 -2.17 4.22 4.85
N ALA B 40 -1.43 3.51 5.69
CA ALA B 40 -2.03 2.85 6.83
C ALA B 40 -2.09 3.78 8.02
N ALA B 41 -3.18 3.69 8.77
CA ALA B 41 -3.32 4.53 9.95
C ALA B 41 -2.21 4.23 10.97
N HIS B 42 -1.76 2.97 11.08
CA HIS B 42 -0.73 2.64 12.06
C HIS B 42 0.66 3.17 11.74
N CYS B 43 0.87 3.67 10.53
CA CYS B 43 2.16 4.24 10.17
C CYS B 43 2.50 5.45 11.03
N GLY B 44 1.47 6.06 11.62
CA GLY B 44 1.66 7.19 12.51
C GLY B 44 2.31 8.41 11.87
N VAL B 45 1.94 8.71 10.64
CA VAL B 45 2.47 9.84 9.89
C VAL B 45 2.13 11.19 10.54
N THR B 46 3.08 12.12 10.49
CA THR B 46 2.87 13.46 11.04
C THR B 46 3.20 14.39 9.89
N THR B 47 2.92 15.68 10.04
CA THR B 47 3.22 16.66 8.99
C THR B 47 4.71 16.97 8.82
N SER B 48 5.55 16.40 9.67
CA SER B 48 7.01 16.59 9.58
C SER B 48 7.63 15.49 8.69
N ASP B 49 6.80 14.52 8.28
CA ASP B 49 7.27 13.43 7.43
C ASP B 49 7.17 13.84 5.98
N VAL B 50 7.92 13.17 5.10
CA VAL B 50 7.91 13.52 3.68
C VAL B 50 7.44 12.36 2.80
N VAL B 51 6.69 12.70 1.77
CA VAL B 51 6.20 11.73 0.80
C VAL B 51 7.17 11.79 -0.37
N VAL B 52 7.76 10.65 -0.72
CA VAL B 52 8.70 10.61 -1.83
C VAL B 52 8.08 9.87 -3.03
N ALA B 53 7.88 10.58 -4.15
CA ALA B 53 7.32 10.02 -5.37
C ALA B 53 8.37 9.87 -6.51
N GLY B 54 8.14 8.91 -7.40
CA GLY B 54 9.01 8.66 -8.53
C GLY B 54 10.34 8.03 -8.20
N GLU B 55 10.42 7.35 -7.07
CA GLU B 55 11.65 6.73 -6.62
C GLU B 55 11.69 5.24 -6.84
N PHE B 56 12.85 4.70 -7.14
CA PHE B 56 12.99 3.28 -7.35
C PHE B 56 14.05 2.73 -6.41
N ASP B 57 15.23 3.30 -6.51
CA ASP B 57 16.41 2.91 -5.75
C ASP B 57 16.67 4.01 -4.75
N GLN B 58 16.44 3.71 -3.48
CA GLN B 58 16.61 4.69 -2.42
C GLN B 58 18.07 5.07 -2.18
N GLY B 59 18.98 4.35 -2.84
CA GLY B 59 20.39 4.63 -2.73
C GLY B 59 20.97 5.43 -3.90
N SER B 60 20.14 5.75 -4.90
CA SER B 60 20.61 6.51 -6.06
C SER B 60 20.50 7.99 -5.82
N SER B 61 21.46 8.75 -6.32
CA SER B 61 21.45 10.20 -6.16
C SER B 61 21.00 10.88 -7.44
N SER B 62 20.83 10.10 -8.50
CA SER B 62 20.49 10.64 -9.79
C SER B 62 19.07 10.38 -10.27
N GLU B 63 18.20 9.97 -9.38
CA GLU B 63 16.82 9.75 -9.79
C GLU B 63 16.09 11.07 -9.58
N LYS B 64 15.20 11.41 -10.50
CA LYS B 64 14.44 12.62 -10.36
C LYS B 64 13.17 12.23 -9.60
N ILE B 65 13.22 12.29 -8.28
CA ILE B 65 12.09 11.95 -7.45
C ILE B 65 11.47 13.26 -6.98
N GLN B 66 10.27 13.19 -6.43
CA GLN B 66 9.59 14.38 -5.94
C GLN B 66 9.42 14.23 -4.45
N LYS B 67 9.96 15.18 -3.67
CA LYS B 67 9.85 15.15 -2.22
C LYS B 67 8.73 16.13 -1.87
N LEU B 68 7.58 15.57 -1.50
CA LEU B 68 6.39 16.35 -1.22
C LEU B 68 6.04 16.46 0.25
N LYS B 69 5.71 17.69 0.67
CA LYS B 69 5.34 17.99 2.04
C LYS B 69 3.88 17.67 2.28
N ILE B 70 3.55 17.31 3.52
CA ILE B 70 2.20 16.95 3.91
C ILE B 70 1.52 18.12 4.62
N ALA B 71 0.33 18.50 4.17
CA ALA B 71 -0.42 19.58 4.79
C ALA B 71 -1.27 19.04 5.97
N LYS B 72 -1.94 17.91 5.76
CA LYS B 72 -2.77 17.37 6.82
C LYS B 72 -2.85 15.87 6.78
N VAL B 73 -3.04 15.27 7.95
CA VAL B 73 -3.16 13.83 8.14
C VAL B 73 -4.62 13.52 8.52
N PHE B 74 -5.27 12.68 7.73
CA PHE B 74 -6.65 12.29 8.01
C PHE B 74 -6.72 10.82 8.40
N LYS B 75 -6.68 10.58 9.70
CA LYS B 75 -6.75 9.25 10.27
C LYS B 75 -8.25 8.90 10.34
N ASN B 76 -8.63 7.76 9.81
CA ASN B 76 -10.04 7.33 9.82
C ASN B 76 -10.51 7.32 11.30
N SER B 77 -11.55 8.09 11.63
CA SER B 77 -12.03 8.10 13.03
C SER B 77 -12.47 6.70 13.50
N LYS B 78 -12.75 5.81 12.55
CA LYS B 78 -13.14 4.45 12.90
C LYS B 78 -11.95 3.49 13.15
N TYR B 79 -10.72 3.96 12.94
CA TYR B 79 -9.53 3.14 13.17
C TYR B 79 -9.41 2.76 14.67
N ASN B 80 -9.28 1.47 14.91
CA ASN B 80 -9.19 0.95 16.25
C ASN B 80 -7.77 0.49 16.42
N SER B 81 -6.96 1.26 17.15
CA SER B 81 -5.56 0.88 17.33
C SER B 81 -5.34 -0.40 18.16
N LEU B 82 -6.37 -0.87 18.85
CA LEU B 82 -6.25 -2.08 19.64
C LEU B 82 -6.44 -3.34 18.80
N THR B 83 -7.23 -3.26 17.75
CA THR B 83 -7.46 -4.40 16.87
C THR B 83 -6.86 -4.20 15.47
N ILE B 84 -6.35 -3.00 15.22
CA ILE B 84 -5.80 -2.57 13.93
C ILE B 84 -6.86 -2.63 12.83
N ASN B 85 -8.12 -2.44 13.21
CA ASN B 85 -9.19 -2.46 12.25
C ASN B 85 -9.38 -1.05 11.66
N ASN B 86 -9.76 -1.02 10.38
CA ASN B 86 -9.99 0.20 9.59
C ASN B 86 -8.70 1.00 9.54
N ASP B 87 -7.64 0.29 9.21
CA ASP B 87 -6.28 0.81 9.16
C ASP B 87 -5.99 1.63 7.90
N ILE B 88 -6.53 2.84 7.86
CA ILE B 88 -6.32 3.70 6.71
C ILE B 88 -6.23 5.19 7.12
N THR B 89 -5.29 5.90 6.50
CA THR B 89 -5.09 7.32 6.74
C THR B 89 -4.92 7.98 5.38
N LEU B 90 -5.54 9.13 5.19
CA LEU B 90 -5.38 9.89 3.97
C LEU B 90 -4.45 11.05 4.24
N LEU B 91 -3.54 11.31 3.31
CA LEU B 91 -2.62 12.41 3.47
C LEU B 91 -2.88 13.42 2.38
N LYS B 92 -3.11 14.67 2.76
CA LYS B 92 -3.31 15.73 1.79
C LYS B 92 -1.96 16.42 1.62
N LEU B 93 -1.45 16.43 0.39
CA LEU B 93 -0.16 17.05 0.07
C LEU B 93 -0.26 18.57 0.07
N SER B 94 0.74 19.24 0.66
CA SER B 94 0.72 20.71 0.67
C SER B 94 1.11 21.16 -0.74
N THR B 95 1.84 20.29 -1.42
CA THR B 95 2.27 20.52 -2.77
C THR B 95 1.84 19.33 -3.65
N ALA B 96 1.06 19.63 -4.68
CA ALA B 96 0.58 18.61 -5.63
C ALA B 96 1.71 17.88 -6.37
N ALA B 97 1.60 16.56 -6.48
CA ALA B 97 2.59 15.77 -7.21
C ALA B 97 2.44 16.07 -8.71
N SER B 98 3.53 15.98 -9.47
CA SER B 98 3.45 16.23 -10.90
C SER B 98 3.43 14.87 -11.57
N PHE B 99 2.32 14.52 -12.20
CA PHE B 99 2.21 13.24 -12.87
C PHE B 99 3.07 13.17 -14.13
N SER B 100 3.66 12.00 -14.35
CA SER B 100 4.56 11.77 -15.47
C SER B 100 4.53 10.27 -15.76
N GLN B 101 5.51 9.79 -16.52
CA GLN B 101 5.59 8.37 -16.82
C GLN B 101 5.79 7.53 -15.56
N THR B 102 6.53 8.08 -14.60
CA THR B 102 6.85 7.38 -13.35
C THR B 102 6.03 7.77 -12.13
N VAL B 103 5.05 8.65 -12.31
CA VAL B 103 4.24 9.08 -11.18
C VAL B 103 2.82 9.23 -11.66
N SER B 104 1.93 8.43 -11.11
CA SER B 104 0.52 8.47 -11.47
C SER B 104 -0.34 7.81 -10.38
N ALA B 105 -1.65 7.79 -10.61
CA ALA B 105 -2.60 7.27 -9.63
C ALA B 105 -3.05 5.83 -9.84
N VAL B 106 -3.34 5.16 -8.74
CA VAL B 106 -3.87 3.80 -8.79
C VAL B 106 -5.40 4.01 -8.76
N CYS B 107 -6.17 3.03 -9.20
CA CYS B 107 -7.63 3.17 -9.14
C CYS B 107 -8.14 2.65 -7.81
N LEU B 108 -9.30 3.15 -7.40
CA LEU B 108 -9.97 2.75 -6.18
C LEU B 108 -11.19 1.95 -6.64
N PRO B 109 -11.58 0.89 -5.91
CA PRO B 109 -12.75 0.13 -6.34
C PRO B 109 -14.06 0.74 -5.83
N SER B 110 -15.19 0.21 -6.31
CA SER B 110 -16.50 0.64 -5.84
C SER B 110 -16.71 -0.14 -4.55
N ALA B 111 -17.53 0.38 -3.64
CA ALA B 111 -17.78 -0.31 -2.39
C ALA B 111 -18.38 -1.70 -2.65
N SER B 112 -18.95 -1.90 -3.82
CA SER B 112 -19.57 -3.17 -4.16
C SER B 112 -18.72 -4.07 -5.04
N ASP B 113 -17.45 -3.74 -5.22
CA ASP B 113 -16.58 -4.55 -6.07
C ASP B 113 -16.26 -5.89 -5.38
N ASP B 114 -16.13 -6.94 -6.19
CA ASP B 114 -15.84 -8.27 -5.68
C ASP B 114 -14.47 -8.75 -6.17
N PHE B 115 -13.65 -9.19 -5.23
CA PHE B 115 -12.33 -9.70 -5.54
C PHE B 115 -12.32 -11.06 -4.88
N ALA B 116 -12.55 -12.07 -5.72
CA ALA B 116 -12.66 -13.48 -5.32
C ALA B 116 -11.43 -14.12 -4.75
N ALA B 117 -11.64 -15.06 -3.82
CA ALA B 117 -10.55 -15.81 -3.21
C ALA B 117 -9.90 -16.61 -4.35
N GLY B 118 -8.58 -16.66 -4.37
CA GLY B 118 -7.87 -17.38 -5.42
C GLY B 118 -7.28 -16.42 -6.45
N THR B 119 -7.82 -15.21 -6.53
CA THR B 119 -7.32 -14.19 -7.46
C THR B 119 -5.88 -13.83 -7.10
N THR B 120 -5.02 -13.72 -8.10
CA THR B 120 -3.63 -13.37 -7.88
C THR B 120 -3.48 -11.86 -8.08
N CYS B 121 -2.96 -11.21 -7.05
CA CYS B 121 -2.77 -9.79 -7.04
C CYS B 121 -1.30 -9.52 -6.80
N VAL B 122 -0.93 -8.25 -6.67
CA VAL B 122 0.47 -7.86 -6.48
C VAL B 122 0.61 -6.88 -5.32
N THR B 123 1.67 -7.06 -4.52
CA THR B 123 1.96 -6.15 -3.44
C THR B 123 3.37 -5.64 -3.70
N THR B 124 3.64 -4.37 -3.37
CA THR B 124 4.95 -3.78 -3.62
C THR B 124 5.46 -3.04 -2.39
N GLY B 125 6.76 -2.77 -2.32
CA GLY B 125 7.30 -2.06 -1.19
C GLY B 125 8.80 -2.21 -0.97
N TRP B 126 9.32 -1.43 -0.02
CA TRP B 126 10.73 -1.48 0.33
C TRP B 126 10.92 -2.08 1.73
N GLY B 127 10.00 -2.92 2.15
CA GLY B 127 10.13 -3.53 3.47
C GLY B 127 11.21 -4.60 3.50
N LEU B 128 11.51 -5.10 4.70
CA LEU B 128 12.51 -6.14 4.87
C LEU B 128 12.33 -7.32 3.92
N THR B 129 13.44 -7.76 3.31
CA THR B 129 13.43 -8.88 2.37
C THR B 129 13.72 -10.22 3.07
N ARG B 130 14.14 -10.12 4.33
CA ARG B 130 14.43 -11.27 5.20
C ARG B 130 14.23 -10.76 6.60
N TYR B 131 13.58 -11.55 7.45
CA TYR B 131 13.39 -11.15 8.83
C TYR B 131 14.50 -11.77 9.69
N THR C 3 16.61 -3.03 5.14
CA THR C 3 15.60 -2.98 4.04
C THR C 3 16.32 -2.83 2.69
N PRO C 4 15.71 -3.26 1.58
CA PRO C 4 16.32 -3.16 0.25
C PRO C 4 16.31 -1.73 -0.31
N ASP C 5 17.34 -1.39 -1.09
CA ASP C 5 17.41 -0.06 -1.71
C ASP C 5 16.38 0.04 -2.83
N ARG C 6 16.22 -1.03 -3.58
CA ARG C 6 15.30 -1.04 -4.70
C ARG C 6 13.96 -1.67 -4.42
N LEU C 7 12.95 -1.07 -5.02
CA LEU C 7 11.56 -1.49 -4.89
C LEU C 7 11.35 -2.96 -5.28
N GLN C 8 10.69 -3.71 -4.40
CA GLN C 8 10.41 -5.13 -4.64
C GLN C 8 8.93 -5.30 -4.97
N GLN C 9 8.58 -6.43 -5.57
CA GLN C 9 7.20 -6.73 -5.93
C GLN C 9 7.04 -8.23 -5.70
N ALA C 10 5.79 -8.65 -5.55
CA ALA C 10 5.43 -10.04 -5.40
C ALA C 10 3.95 -10.26 -5.69
N SER C 11 3.67 -11.36 -6.38
CA SER C 11 2.31 -11.82 -6.72
C SER C 11 1.90 -12.73 -5.56
N LEU C 12 0.63 -12.71 -5.19
CA LEU C 12 0.16 -13.53 -4.10
C LEU C 12 -1.35 -13.63 -4.23
N PRO C 13 -1.94 -14.76 -3.79
CA PRO C 13 -3.39 -14.96 -3.87
C PRO C 13 -4.19 -14.38 -2.71
N LEU C 14 -5.42 -13.97 -2.98
CA LEU C 14 -6.29 -13.47 -1.92
C LEU C 14 -6.94 -14.72 -1.32
N LEU C 15 -7.29 -14.66 -0.05
CA LEU C 15 -7.96 -15.78 0.60
C LEU C 15 -9.30 -15.24 1.06
N SER C 16 -10.18 -16.10 1.55
CA SER C 16 -11.45 -15.59 2.08
C SER C 16 -11.19 -15.35 3.57
N ASN C 17 -12.02 -14.54 4.20
CA ASN C 17 -11.86 -14.25 5.61
C ASN C 17 -12.11 -15.50 6.48
N THR C 18 -13.07 -16.33 6.08
CA THR C 18 -13.41 -17.56 6.83
C THR C 18 -12.21 -18.49 6.83
N ASN C 19 -11.54 -18.53 5.69
CA ASN C 19 -10.34 -19.34 5.45
C ASN C 19 -9.16 -18.69 6.21
N CYS C 20 -9.13 -17.36 6.27
CA CYS C 20 -8.05 -16.66 6.96
C CYS C 20 -8.18 -16.76 8.48
N LYS C 21 -9.42 -16.89 8.96
CA LYS C 21 -9.69 -17.02 10.39
C LYS C 21 -9.08 -18.34 10.90
N LYS C 22 -8.87 -19.29 10.00
CA LYS C 22 -8.25 -20.54 10.42
C LYS C 22 -6.84 -20.24 10.95
N TYR C 23 -6.21 -19.19 10.45
CA TYR C 23 -4.87 -18.80 10.89
C TYR C 23 -4.87 -17.77 12.00
N TRP C 24 -5.71 -16.76 11.84
CA TRP C 24 -5.78 -15.65 12.78
C TRP C 24 -6.96 -15.60 13.70
N GLY C 25 -7.87 -16.56 13.57
CA GLY C 25 -9.04 -16.59 14.41
C GLY C 25 -9.90 -15.34 14.32
N THR C 26 -10.32 -14.86 15.49
CA THR C 26 -11.18 -13.69 15.57
C THR C 26 -10.52 -12.32 15.36
N LYS C 27 -9.21 -12.31 15.16
CA LYS C 27 -8.50 -11.07 14.92
C LYS C 27 -8.86 -10.54 13.53
N ILE C 28 -9.43 -11.42 12.70
CA ILE C 28 -9.85 -11.08 11.34
C ILE C 28 -11.23 -10.40 11.34
N LYS C 29 -11.24 -9.08 11.14
CA LYS C 29 -12.47 -8.27 11.12
C LYS C 29 -12.94 -8.03 9.70
N ASP C 30 -14.13 -7.46 9.56
CA ASP C 30 -14.71 -7.20 8.24
C ASP C 30 -14.01 -6.21 7.34
N ALA C 31 -13.28 -5.27 7.92
CA ALA C 31 -12.57 -4.29 7.11
C ALA C 31 -11.13 -4.78 6.85
N MET C 32 -10.96 -6.10 6.82
CA MET C 32 -9.66 -6.71 6.57
C MET C 32 -9.78 -7.77 5.47
N ILE C 33 -8.71 -7.94 4.71
CA ILE C 33 -8.68 -8.92 3.63
C ILE C 33 -7.31 -9.56 3.70
N CYS C 34 -7.28 -10.89 3.64
CA CYS C 34 -6.03 -11.63 3.72
C CYS C 34 -5.51 -12.03 2.35
N ALA C 35 -4.18 -12.11 2.25
CA ALA C 35 -3.49 -12.49 1.02
C ALA C 35 -2.14 -13.09 1.35
N GLY C 36 -1.66 -13.97 0.47
CA GLY C 36 -0.37 -14.57 0.70
C GLY C 36 -0.42 -16.00 1.13
N ALA C 37 0.50 -16.37 2.03
CA ALA C 37 0.66 -17.73 2.55
C ALA C 37 1.02 -18.59 1.34
N SER C 38 1.70 -17.97 0.37
CA SER C 38 2.07 -18.59 -0.88
C SER C 38 3.56 -18.70 -1.13
N GLY C 39 4.36 -18.51 -0.08
CA GLY C 39 5.80 -18.57 -0.24
C GLY C 39 6.41 -17.19 -0.25
N VAL C 40 5.57 -16.17 -0.11
CA VAL C 40 6.03 -14.79 -0.08
C VAL C 40 5.36 -14.14 1.11
N SER C 41 5.80 -12.93 1.46
CA SER C 41 5.22 -12.22 2.59
C SER C 41 5.63 -10.75 2.66
N SER C 42 4.67 -9.87 2.99
CA SER C 42 4.96 -8.45 3.20
C SER C 42 5.75 -8.47 4.53
N CYS C 43 6.41 -7.40 4.89
CA CYS C 43 7.22 -7.40 6.11
C CYS C 43 7.33 -5.98 6.64
N MET C 44 8.08 -5.79 7.73
CA MET C 44 8.25 -4.46 8.30
C MET C 44 8.80 -3.49 7.27
N GLY C 45 8.21 -2.30 7.19
CA GLY C 45 8.65 -1.30 6.23
C GLY C 45 7.74 -1.29 5.01
N ASP C 46 6.95 -2.36 4.84
CA ASP C 46 5.99 -2.47 3.74
C ASP C 46 4.65 -1.83 4.08
N SER C 47 4.36 -1.68 5.38
CA SER C 47 3.13 -1.10 5.91
C SER C 47 2.67 0.14 5.16
N GLY C 48 1.37 0.23 4.87
CA GLY C 48 0.85 1.38 4.17
C GLY C 48 0.85 1.30 2.63
N GLY C 49 1.69 0.43 2.10
CA GLY C 49 1.80 0.23 0.67
C GLY C 49 0.61 -0.46 0.05
N PRO C 50 0.64 -0.63 -1.28
CA PRO C 50 -0.48 -1.26 -2.00
C PRO C 50 -0.52 -2.78 -2.17
N LEU C 51 -1.76 -3.26 -2.33
CA LEU C 51 -2.10 -4.63 -2.68
C LEU C 51 -3.05 -4.34 -3.86
N VAL C 52 -2.55 -4.53 -5.06
CA VAL C 52 -3.34 -4.24 -6.26
C VAL C 52 -3.75 -5.46 -7.10
N CYS C 53 -4.95 -5.40 -7.65
CA CYS C 53 -5.46 -6.47 -8.51
C CYS C 53 -5.96 -5.81 -9.80
N LYS C 54 -5.71 -6.46 -10.92
CA LYS C 54 -6.13 -5.95 -12.22
C LYS C 54 -7.63 -6.21 -12.39
N LYS C 55 -8.39 -5.17 -12.65
CA LYS C 55 -9.82 -5.29 -12.84
C LYS C 55 -10.15 -4.55 -14.13
N ASN C 56 -10.63 -5.29 -15.13
CA ASN C 56 -10.99 -4.73 -16.44
C ASN C 56 -9.83 -3.97 -17.11
N GLY C 57 -8.61 -4.47 -16.92
CA GLY C 57 -7.45 -3.83 -17.55
C GLY C 57 -6.67 -2.79 -16.75
N ALA C 58 -7.20 -2.37 -15.59
CA ALA C 58 -6.53 -1.38 -14.76
C ALA C 58 -6.26 -1.92 -13.37
N TRP C 59 -5.13 -1.49 -12.81
CA TRP C 59 -4.76 -1.89 -11.46
C TRP C 59 -5.58 -1.12 -10.45
N THR C 60 -6.26 -1.86 -9.56
CA THR C 60 -7.09 -1.21 -8.56
C THR C 60 -6.66 -1.58 -7.16
N LEU C 61 -6.72 -0.59 -6.28
CA LEU C 61 -6.33 -0.73 -4.87
C LEU C 61 -7.32 -1.58 -4.06
N VAL C 62 -6.92 -2.82 -3.78
CA VAL C 62 -7.74 -3.76 -3.05
C VAL C 62 -7.39 -3.80 -1.56
N GLY C 63 -6.13 -3.63 -1.22
CA GLY C 63 -5.74 -3.65 0.17
C GLY C 63 -4.58 -2.73 0.49
N ILE C 64 -4.41 -2.45 1.78
CA ILE C 64 -3.33 -1.63 2.27
C ILE C 64 -2.57 -2.50 3.24
N VAL C 65 -1.27 -2.65 3.02
CA VAL C 65 -0.43 -3.48 3.89
C VAL C 65 -0.65 -3.09 5.35
N SER C 66 -1.20 -4.01 6.12
CA SER C 66 -1.53 -3.73 7.49
C SER C 66 -0.72 -4.46 8.55
N TRP C 67 -0.94 -5.78 8.72
CA TRP C 67 -0.20 -6.52 9.73
C TRP C 67 -0.08 -7.98 9.36
N GLY C 68 0.64 -8.74 10.16
CA GLY C 68 0.81 -10.15 9.86
C GLY C 68 1.73 -10.77 10.89
N SER C 69 2.33 -11.91 10.54
CA SER C 69 3.22 -12.58 11.48
C SER C 69 4.42 -11.70 11.81
N SER C 70 4.78 -11.69 13.09
CA SER C 70 5.92 -10.91 13.57
C SER C 70 7.22 -11.40 12.95
N THR C 71 7.18 -12.53 12.28
CA THR C 71 8.37 -13.08 11.64
C THR C 71 8.28 -13.08 10.13
N CYS C 72 7.20 -12.51 9.59
CA CYS C 72 7.01 -12.44 8.14
C CYS C 72 7.05 -13.81 7.48
N SER C 73 6.43 -14.78 8.15
CA SER C 73 6.36 -16.16 7.69
C SER C 73 5.66 -16.26 6.33
N THR C 74 6.35 -16.86 5.36
CA THR C 74 5.79 -17.00 4.03
C THR C 74 4.69 -18.06 3.92
N SER C 75 4.35 -18.70 5.03
CA SER C 75 3.30 -19.73 5.05
C SER C 75 2.07 -19.29 5.84
N THR C 76 2.06 -18.03 6.25
CA THR C 76 0.95 -17.45 7.01
C THR C 76 0.44 -16.31 6.15
N PRO C 77 -0.87 -16.06 6.14
CA PRO C 77 -1.32 -14.95 5.30
C PRO C 77 -1.12 -13.56 5.93
N GLY C 78 -0.81 -12.58 5.10
CA GLY C 78 -0.63 -11.22 5.57
C GLY C 78 -2.01 -10.61 5.67
N VAL C 79 -2.18 -9.58 6.50
CA VAL C 79 -3.49 -8.94 6.66
C VAL C 79 -3.42 -7.50 6.14
N TYR C 80 -4.36 -7.14 5.27
CA TYR C 80 -4.43 -5.82 4.63
C TYR C 80 -5.74 -5.14 4.95
N ALA C 81 -5.76 -3.81 4.94
CA ALA C 81 -7.01 -3.12 5.18
C ALA C 81 -7.80 -3.33 3.87
N ARG C 82 -9.08 -3.66 4.00
CA ARG C 82 -9.94 -3.90 2.84
C ARG C 82 -10.47 -2.56 2.33
N VAL C 83 -9.94 -2.08 1.20
CA VAL C 83 -10.33 -0.79 0.63
C VAL C 83 -11.81 -0.60 0.22
N THR C 84 -12.45 -1.70 -0.15
CA THR C 84 -13.84 -1.71 -0.54
C THR C 84 -14.77 -1.36 0.67
N ALA C 85 -14.27 -1.55 1.88
CA ALA C 85 -15.03 -1.26 3.08
C ALA C 85 -14.70 0.14 3.60
N LEU C 86 -13.65 0.73 3.04
CA LEU C 86 -13.16 2.04 3.45
C LEU C 86 -13.27 3.11 2.39
N VAL C 87 -13.57 2.71 1.16
CA VAL C 87 -13.67 3.65 0.06
C VAL C 87 -14.76 4.73 0.20
N ASN C 88 -15.88 4.42 0.85
CA ASN C 88 -16.92 5.43 1.04
C ASN C 88 -16.38 6.57 1.93
N TRP C 89 -15.55 6.25 2.90
CA TRP C 89 -14.93 7.26 3.77
C TRP C 89 -13.91 8.06 2.95
N VAL C 90 -13.14 7.38 2.11
CA VAL C 90 -12.18 8.11 1.27
C VAL C 90 -12.92 9.17 0.41
N GLN C 91 -13.98 8.74 -0.26
CA GLN C 91 -14.76 9.60 -1.12
C GLN C 91 -15.39 10.79 -0.36
N GLN C 92 -15.81 10.55 0.87
CA GLN C 92 -16.38 11.59 1.72
C GLN C 92 -15.30 12.60 2.13
N THR C 93 -14.11 12.08 2.49
CA THR C 93 -13.00 12.94 2.89
C THR C 93 -12.47 13.82 1.76
N LEU C 94 -12.36 13.27 0.56
CA LEU C 94 -11.88 14.04 -0.58
C LEU C 94 -12.87 15.13 -0.96
N ALA C 95 -14.15 14.85 -0.77
CA ALA C 95 -15.20 15.78 -1.12
C ALA C 95 -15.29 16.92 -0.13
N ALA C 96 -15.01 16.67 1.13
CA ALA C 96 -15.09 17.72 2.12
C ALA C 96 -13.86 18.63 2.20
N ASN C 97 -12.69 18.14 1.75
CA ASN C 97 -11.43 18.91 1.81
C ASN C 97 -10.73 19.07 0.46
#